data_1M1E
#
_entry.id   1M1E
#
_cell.length_a   97.750
_cell.length_b   97.320
_cell.length_c   86.820
_cell.angle_alpha   90.00
_cell.angle_beta   90.00
_cell.angle_gamma   90.00
#
_symmetry.space_group_name_H-M   'P 21 21 2'
#
loop_
_entity.id
_entity.type
_entity.pdbx_description
1 polymer Beta-catenin
2 polymer ICAT
3 water water
#
loop_
_entity_poly.entity_id
_entity_poly.type
_entity_poly.pdbx_seq_one_letter_code
_entity_poly.pdbx_strand_id
1 'polypeptide(L)'
;HAVVNLINYQDDAELATRAIPELTKLLNDEDQVVVNKAAVMVHQLSKKEASRHAIMRSPQMVSAIVRTMQNTNDVETARC
TAGTLHNLSHHREGLLAIFKSGGIPALVKMLGSPVDSVLFYAITTLHNLLLHQEGAKMAVRLAGGLQKMVALLNKTNVKF
LAITTDCLQILAYGNQESKLIILASGGPQALVNIMRTYTYEKLLWTTSRVLKVLSVCSSNKPAIVEAGGMQALGLHLTDP
SQRLVQNCLWTLRNLSDAATKQEGMEGLLGTLVQLLGSDDINVVTCAAGILSNLTCNNYKNKMMVCQVGGIEALVRTVLR
AGDREDITEPAICALRHLTSRHQEAEMAQNAVRLHYGLPVVVKLLHPPSHWPLIKATVGLIRNLALCPANHAPLREQGAI
PRLVQLLVRAHQDTQRRTSMGGTQQQFVEGVRMEEIVEGCTGALHILARDVHNRIVIRGLNTIPLFVQLLYSPIENIQRV
AAGVLCELAQDKEAAEAIEAEGATAPLTELLHSRNEGVATYAAAVLFRMSEDKPQDYK
;
A
2 'polypeptide(L)'
;MNREGAPGKSPEEMYIQQKVRVLLMLRKMGSNLTASEEEFLRTYAGVVNSQLSQLPPHSIDQGAEDVVMAFSRSETEDRR
Q
;
B
#
# COMPACT_ATOMS: atom_id res chain seq x y z
N ARG A 18 -51.53 23.26 -30.88
CA ARG A 18 -51.23 24.72 -30.88
C ARG A 18 -49.80 25.02 -31.34
N ALA A 19 -49.07 25.75 -30.51
CA ALA A 19 -47.69 26.12 -30.81
C ALA A 19 -46.78 24.92 -31.01
N ILE A 20 -46.80 24.00 -30.05
CA ILE A 20 -45.96 22.80 -30.13
C ILE A 20 -46.09 22.14 -31.50
N PRO A 21 -47.31 21.71 -31.87
CA PRO A 21 -47.52 21.06 -33.17
C PRO A 21 -46.94 21.85 -34.35
N GLU A 22 -47.20 23.15 -34.38
CA GLU A 22 -46.70 24.00 -35.44
C GLU A 22 -45.17 24.07 -35.42
N LEU A 23 -44.63 24.32 -34.23
CA LEU A 23 -43.18 24.39 -34.07
C LEU A 23 -42.53 23.09 -34.47
N THR A 24 -43.14 21.97 -34.08
CA THR A 24 -42.62 20.65 -34.42
C THR A 24 -42.54 20.53 -35.94
N LYS A 25 -43.63 20.91 -36.61
CA LYS A 25 -43.70 20.85 -38.06
C LYS A 25 -42.61 21.75 -38.67
N LEU A 26 -42.48 22.95 -38.13
CA LEU A 26 -41.49 23.90 -38.62
C LEU A 26 -40.06 23.35 -38.52
N LEU A 27 -39.76 22.64 -37.44
CA LEU A 27 -38.43 22.08 -37.27
C LEU A 27 -38.13 21.00 -38.30
N ASN A 28 -39.18 20.33 -38.77
CA ASN A 28 -39.03 19.28 -39.78
C ASN A 28 -39.06 19.86 -41.18
N ASP A 29 -39.36 21.15 -41.29
CA ASP A 29 -39.43 21.82 -42.58
C ASP A 29 -38.13 21.64 -43.36
N GLU A 30 -38.24 21.64 -44.68
CA GLU A 30 -37.08 21.45 -45.55
C GLU A 30 -36.25 22.73 -45.68
N ASP A 31 -36.86 23.87 -45.39
CA ASP A 31 -36.17 25.15 -45.46
C ASP A 31 -35.37 25.38 -44.19
N GLN A 32 -34.07 25.13 -44.26
CA GLN A 32 -33.19 25.29 -43.12
C GLN A 32 -33.35 26.64 -42.40
N VAL A 33 -33.67 27.69 -43.15
CA VAL A 33 -33.83 29.01 -42.56
C VAL A 33 -34.96 29.08 -41.54
N VAL A 34 -35.98 28.23 -41.72
CA VAL A 34 -37.12 28.24 -40.80
C VAL A 34 -36.87 27.43 -39.53
N VAL A 35 -36.11 26.35 -39.65
CA VAL A 35 -35.82 25.52 -38.48
C VAL A 35 -35.02 26.31 -37.44
N ASN A 36 -34.02 27.04 -37.90
CA ASN A 36 -33.18 27.84 -37.01
C ASN A 36 -34.05 28.83 -36.26
N LYS A 37 -35.09 29.31 -36.93
CA LYS A 37 -36.02 30.27 -36.35
C LYS A 37 -37.01 29.55 -35.45
N ALA A 38 -37.22 28.26 -35.74
CA ALA A 38 -38.13 27.44 -34.96
C ALA A 38 -37.42 26.97 -33.69
N ALA A 39 -36.11 26.80 -33.79
CA ALA A 39 -35.30 26.35 -32.67
C ALA A 39 -35.24 27.42 -31.57
N VAL A 40 -35.07 28.67 -31.97
CA VAL A 40 -35.00 29.78 -31.02
C VAL A 40 -36.29 29.87 -30.21
N MET A 41 -37.42 29.75 -30.90
CA MET A 41 -38.73 29.81 -30.26
C MET A 41 -38.89 28.70 -29.23
N VAL A 42 -38.55 27.48 -29.62
CA VAL A 42 -38.66 26.34 -28.72
C VAL A 42 -37.74 26.53 -27.51
N HIS A 43 -36.48 26.87 -27.78
CA HIS A 43 -35.52 27.08 -26.70
C HIS A 43 -36.04 28.16 -25.77
N GLN A 44 -36.67 29.19 -26.34
CA GLN A 44 -37.22 30.28 -25.54
C GLN A 44 -38.40 29.80 -24.71
N LEU A 45 -39.18 28.88 -25.27
CA LEU A 45 -40.35 28.33 -24.58
C LEU A 45 -39.95 27.34 -23.49
N SER A 46 -38.79 26.70 -23.63
CA SER A 46 -38.34 25.74 -22.63
C SER A 46 -37.87 26.44 -21.36
N LYS A 47 -37.77 27.76 -21.41
CA LYS A 47 -37.33 28.54 -20.27
C LYS A 47 -38.48 28.88 -19.34
N LYS A 48 -39.69 28.54 -19.74
CA LYS A 48 -40.87 28.82 -18.92
C LYS A 48 -41.57 27.53 -18.48
N GLU A 49 -41.85 27.44 -17.18
CA GLU A 49 -42.51 26.29 -16.56
C GLU A 49 -43.56 25.63 -17.45
N ALA A 50 -44.66 26.34 -17.69
CA ALA A 50 -45.77 25.83 -18.51
C ALA A 50 -45.34 25.29 -19.86
N SER A 51 -44.84 26.16 -20.73
CA SER A 51 -44.42 25.73 -22.07
C SER A 51 -43.40 24.60 -22.04
N ARG A 52 -42.55 24.58 -21.02
CA ARG A 52 -41.53 23.55 -20.88
C ARG A 52 -42.20 22.18 -20.74
N HIS A 53 -43.17 22.11 -19.85
CA HIS A 53 -43.89 20.86 -19.61
C HIS A 53 -44.66 20.43 -20.85
N ALA A 54 -45.10 21.40 -21.65
CA ALA A 54 -45.84 21.09 -22.88
C ALA A 54 -44.88 20.45 -23.88
N ILE A 55 -43.64 20.92 -23.88
CA ILE A 55 -42.64 20.38 -24.79
C ILE A 55 -42.28 18.93 -24.43
N MET A 56 -41.97 18.69 -23.17
CA MET A 56 -41.59 17.36 -22.73
C MET A 56 -42.69 16.31 -22.83
N ARG A 57 -43.94 16.74 -22.98
CA ARG A 57 -45.04 15.81 -23.08
C ARG A 57 -45.40 15.48 -24.52
N SER A 58 -44.63 16.02 -25.45
CA SER A 58 -44.84 15.77 -26.87
C SER A 58 -43.67 14.98 -27.45
N PRO A 59 -43.84 13.66 -27.62
CA PRO A 59 -42.77 12.81 -28.17
C PRO A 59 -42.27 13.32 -29.51
N GLN A 60 -43.19 13.80 -30.34
CA GLN A 60 -42.85 14.31 -31.66
C GLN A 60 -41.96 15.56 -31.56
N MET A 61 -42.29 16.44 -30.62
CA MET A 61 -41.50 17.66 -30.41
C MET A 61 -40.07 17.29 -29.98
N VAL A 62 -39.96 16.49 -28.93
CA VAL A 62 -38.65 16.09 -28.43
C VAL A 62 -37.83 15.38 -29.51
N SER A 63 -38.47 14.54 -30.33
CA SER A 63 -37.76 13.83 -31.38
C SER A 63 -37.24 14.81 -32.42
N ALA A 64 -38.03 15.82 -32.73
CA ALA A 64 -37.63 16.82 -33.70
C ALA A 64 -36.40 17.58 -33.19
N ILE A 65 -36.45 18.00 -31.92
CA ILE A 65 -35.34 18.72 -31.32
C ILE A 65 -34.07 17.87 -31.39
N VAL A 66 -34.21 16.60 -31.05
CA VAL A 66 -33.08 15.66 -31.08
C VAL A 66 -32.50 15.54 -32.50
N ARG A 67 -33.38 15.54 -33.50
CA ARG A 67 -32.92 15.43 -34.88
C ARG A 67 -32.28 16.74 -35.33
N THR A 68 -32.97 17.84 -35.10
CA THR A 68 -32.47 19.16 -35.49
C THR A 68 -31.08 19.41 -34.91
N MET A 69 -30.88 18.99 -33.66
CA MET A 69 -29.60 19.20 -32.98
C MET A 69 -28.44 18.46 -33.62
N GLN A 70 -28.60 17.16 -33.86
CA GLN A 70 -27.53 16.37 -34.45
C GLN A 70 -27.44 16.43 -35.97
N ASN A 71 -28.11 17.40 -36.58
CA ASN A 71 -28.07 17.54 -38.03
C ASN A 71 -27.69 18.95 -38.45
N THR A 72 -28.20 19.94 -37.73
CA THR A 72 -27.92 21.34 -38.04
C THR A 72 -26.43 21.63 -38.11
N ASN A 73 -26.08 22.68 -38.85
CA ASN A 73 -24.69 23.09 -39.00
C ASN A 73 -24.59 24.55 -38.60
N ASP A 74 -25.71 25.10 -38.12
CA ASP A 74 -25.76 26.48 -37.69
C ASP A 74 -25.56 26.54 -36.18
N VAL A 75 -24.39 27.03 -35.76
CA VAL A 75 -24.03 27.14 -34.36
C VAL A 75 -25.20 27.48 -33.43
N GLU A 76 -25.95 28.54 -33.77
CA GLU A 76 -27.07 28.97 -32.95
C GLU A 76 -28.19 27.94 -32.85
N THR A 77 -28.32 27.10 -33.87
CA THR A 77 -29.37 26.07 -33.88
C THR A 77 -28.99 24.92 -32.96
N ALA A 78 -27.74 24.45 -33.09
CA ALA A 78 -27.25 23.36 -32.26
C ALA A 78 -27.29 23.80 -30.80
N ARG A 79 -27.00 25.08 -30.57
CA ARG A 79 -26.99 25.64 -29.24
C ARG A 79 -28.38 25.74 -28.62
N CYS A 80 -29.37 26.12 -29.42
CA CYS A 80 -30.73 26.24 -28.93
C CYS A 80 -31.38 24.88 -28.69
N THR A 81 -31.02 23.89 -29.52
CA THR A 81 -31.57 22.55 -29.36
C THR A 81 -30.94 21.86 -28.17
N ALA A 82 -29.62 21.92 -28.06
CA ALA A 82 -28.92 21.30 -26.94
C ALA A 82 -29.38 21.99 -25.67
N GLY A 83 -29.56 23.31 -25.74
CA GLY A 83 -30.01 24.07 -24.59
C GLY A 83 -31.41 23.69 -24.16
N THR A 84 -32.26 23.40 -25.13
CA THR A 84 -33.63 23.00 -24.84
C THR A 84 -33.63 21.67 -24.11
N LEU A 85 -32.86 20.71 -24.61
CA LEU A 85 -32.75 19.39 -24.00
C LEU A 85 -32.23 19.55 -22.57
N HIS A 86 -31.26 20.43 -22.39
CA HIS A 86 -30.71 20.67 -21.06
C HIS A 86 -31.82 21.08 -20.10
N ASN A 87 -32.65 22.04 -20.53
CA ASN A 87 -33.74 22.51 -19.69
C ASN A 87 -34.73 21.41 -19.36
N LEU A 88 -35.04 20.56 -20.33
CA LEU A 88 -35.98 19.47 -20.11
C LEU A 88 -35.43 18.44 -19.15
N SER A 89 -34.11 18.26 -19.15
CA SER A 89 -33.45 17.27 -18.30
C SER A 89 -33.57 17.55 -16.80
N HIS A 90 -34.13 18.69 -16.45
CA HIS A 90 -34.32 19.07 -15.05
C HIS A 90 -35.50 18.31 -14.47
N HIS A 91 -36.36 17.79 -15.34
CA HIS A 91 -37.56 17.08 -14.92
C HIS A 91 -37.51 15.59 -15.26
N ARG A 92 -38.22 14.79 -14.47
CA ARG A 92 -38.27 13.35 -14.68
C ARG A 92 -38.88 13.00 -16.03
N GLU A 93 -39.98 13.66 -16.39
CA GLU A 93 -40.63 13.40 -17.66
C GLU A 93 -39.73 13.84 -18.81
N GLY A 94 -38.99 14.93 -18.61
CA GLY A 94 -38.09 15.42 -19.63
C GLY A 94 -36.97 14.44 -19.88
N LEU A 95 -36.41 13.89 -18.80
CA LEU A 95 -35.33 12.92 -18.89
C LEU A 95 -35.79 11.67 -19.66
N LEU A 96 -36.98 11.18 -19.34
CA LEU A 96 -37.51 10.00 -20.01
C LEU A 96 -37.75 10.26 -21.50
N ALA A 97 -38.36 11.41 -21.81
CA ALA A 97 -38.63 11.74 -23.20
C ALA A 97 -37.34 11.80 -24.00
N ILE A 98 -36.31 12.44 -23.43
CA ILE A 98 -35.02 12.54 -24.12
C ILE A 98 -34.45 11.14 -24.34
N PHE A 99 -34.55 10.32 -23.31
CA PHE A 99 -34.04 8.96 -23.38
C PHE A 99 -34.74 8.19 -24.50
N LYS A 100 -36.07 8.19 -24.49
CA LYS A 100 -36.86 7.48 -25.49
C LYS A 100 -36.72 8.01 -26.91
N SER A 101 -36.38 9.30 -27.04
CA SER A 101 -36.22 9.91 -28.36
C SER A 101 -34.84 9.66 -28.95
N GLY A 102 -34.07 8.79 -28.32
CA GLY A 102 -32.73 8.52 -28.82
C GLY A 102 -31.82 9.71 -28.63
N GLY A 103 -32.11 10.51 -27.61
CA GLY A 103 -31.31 11.69 -27.35
C GLY A 103 -29.88 11.44 -26.90
N ILE A 104 -29.62 10.33 -26.25
CA ILE A 104 -28.26 10.04 -25.78
C ILE A 104 -27.22 9.95 -26.89
N PRO A 105 -27.51 9.17 -27.96
CA PRO A 105 -26.53 9.08 -29.04
C PRO A 105 -26.27 10.45 -29.67
N ALA A 106 -27.32 11.26 -29.78
CA ALA A 106 -27.19 12.59 -30.38
C ALA A 106 -26.38 13.52 -29.48
N LEU A 107 -26.55 13.39 -28.16
CA LEU A 107 -25.83 14.23 -27.22
C LEU A 107 -24.34 13.88 -27.23
N VAL A 108 -24.04 12.59 -27.31
CA VAL A 108 -22.65 12.13 -27.34
C VAL A 108 -21.96 12.68 -28.59
N LYS A 109 -22.70 12.77 -29.69
CA LYS A 109 -22.15 13.29 -30.93
C LYS A 109 -21.80 14.77 -30.74
N MET A 110 -22.67 15.49 -30.02
CA MET A 110 -22.45 16.90 -29.78
C MET A 110 -21.20 17.18 -28.95
N LEU A 111 -20.64 16.15 -28.33
CA LEU A 111 -19.44 16.32 -27.52
C LEU A 111 -18.23 16.63 -28.41
N GLY A 112 -18.44 16.57 -29.72
CA GLY A 112 -17.36 16.85 -30.65
C GLY A 112 -17.47 18.25 -31.22
N SER A 113 -18.41 19.02 -30.68
CA SER A 113 -18.63 20.39 -31.14
C SER A 113 -17.60 21.38 -30.62
N PRO A 114 -17.05 22.22 -31.51
CA PRO A 114 -16.05 23.22 -31.12
C PRO A 114 -16.68 24.33 -30.28
N VAL A 115 -17.99 24.49 -30.43
CA VAL A 115 -18.71 25.53 -29.69
C VAL A 115 -18.85 25.14 -28.21
N ASP A 116 -18.26 25.96 -27.33
CA ASP A 116 -18.33 25.69 -25.90
C ASP A 116 -19.76 25.67 -25.39
N SER A 117 -20.60 26.58 -25.89
CA SER A 117 -21.99 26.63 -25.45
C SER A 117 -22.69 25.29 -25.68
N VAL A 118 -22.47 24.70 -26.85
CA VAL A 118 -23.05 23.42 -27.21
C VAL A 118 -22.52 22.32 -26.29
N LEU A 119 -21.19 22.28 -26.15
CA LEU A 119 -20.53 21.28 -25.31
C LEU A 119 -21.04 21.31 -23.87
N PHE A 120 -21.19 22.50 -23.30
CA PHE A 120 -21.66 22.62 -21.92
C PHE A 120 -23.07 22.09 -21.75
N TYR A 121 -23.95 22.45 -22.67
CA TYR A 121 -25.33 21.97 -22.62
C TYR A 121 -25.36 20.45 -22.77
N ALA A 122 -24.58 19.95 -23.71
CA ALA A 122 -24.51 18.52 -23.98
C ALA A 122 -24.00 17.69 -22.80
N ILE A 123 -22.85 18.06 -22.23
CA ILE A 123 -22.31 17.30 -21.10
C ILE A 123 -23.19 17.41 -19.86
N THR A 124 -23.83 18.56 -19.67
CA THR A 124 -24.71 18.75 -18.51
C THR A 124 -25.97 17.91 -18.65
N THR A 125 -26.50 17.81 -19.87
CA THR A 125 -27.71 17.03 -20.11
C THR A 125 -27.38 15.55 -19.86
N LEU A 126 -26.22 15.12 -20.35
CA LEU A 126 -25.78 13.74 -20.18
C LEU A 126 -25.56 13.45 -18.70
N HIS A 127 -25.03 14.44 -17.98
CA HIS A 127 -24.77 14.31 -16.55
C HIS A 127 -26.10 14.09 -15.80
N ASN A 128 -27.13 14.82 -16.16
CA ASN A 128 -28.43 14.64 -15.50
C ASN A 128 -29.02 13.26 -15.83
N LEU A 129 -28.80 12.80 -17.05
CA LEU A 129 -29.30 11.48 -17.45
C LEU A 129 -28.56 10.39 -16.68
N LEU A 130 -27.23 10.49 -16.62
CA LEU A 130 -26.42 9.51 -15.90
C LEU A 130 -26.78 9.43 -14.42
N LEU A 131 -27.07 10.58 -13.82
CA LEU A 131 -27.44 10.65 -12.41
C LEU A 131 -28.85 10.13 -12.08
N HIS A 132 -29.82 10.37 -12.95
CA HIS A 132 -31.19 9.97 -12.66
C HIS A 132 -31.96 9.01 -13.58
N GLN A 133 -31.58 8.94 -14.86
CA GLN A 133 -32.31 8.09 -15.80
C GLN A 133 -31.83 6.65 -15.90
N GLU A 134 -32.71 5.73 -15.46
CA GLU A 134 -32.42 4.31 -15.53
C GLU A 134 -32.14 3.94 -16.98
N GLY A 135 -31.01 3.26 -17.20
CA GLY A 135 -30.63 2.84 -18.54
C GLY A 135 -29.66 3.79 -19.24
N ALA A 136 -29.51 4.99 -18.70
CA ALA A 136 -28.61 5.98 -19.30
C ALA A 136 -27.15 5.54 -19.37
N LYS A 137 -26.65 4.91 -18.34
CA LYS A 137 -25.25 4.48 -18.34
C LYS A 137 -24.91 3.54 -19.49
N MET A 138 -25.72 2.51 -19.70
CA MET A 138 -25.45 1.56 -20.79
C MET A 138 -25.50 2.28 -22.13
N ALA A 139 -26.51 3.11 -22.32
CA ALA A 139 -26.68 3.86 -23.55
C ALA A 139 -25.48 4.75 -23.86
N VAL A 140 -24.93 5.40 -22.83
CA VAL A 140 -23.78 6.28 -23.04
C VAL A 140 -22.54 5.46 -23.39
N ARG A 141 -22.36 4.34 -22.71
CA ARG A 141 -21.21 3.47 -22.99
C ARG A 141 -21.28 2.98 -24.42
N LEU A 142 -22.44 2.46 -24.82
CA LEU A 142 -22.65 1.95 -26.17
C LEU A 142 -22.44 3.01 -27.24
N ALA A 143 -22.75 4.26 -26.92
CA ALA A 143 -22.60 5.34 -27.89
C ALA A 143 -21.17 5.86 -27.97
N GLY A 144 -20.27 5.27 -27.18
CA GLY A 144 -18.88 5.71 -27.20
C GLY A 144 -18.68 6.98 -26.38
N GLY A 145 -19.53 7.20 -25.39
CA GLY A 145 -19.41 8.38 -24.56
C GLY A 145 -18.13 8.47 -23.75
N LEU A 146 -17.62 7.32 -23.30
CA LEU A 146 -16.40 7.28 -22.51
C LEU A 146 -15.21 7.87 -23.26
N GLN A 147 -14.98 7.39 -24.47
CA GLN A 147 -13.86 7.86 -25.29
C GLN A 147 -13.99 9.37 -25.56
N LYS A 148 -15.22 9.83 -25.79
CA LYS A 148 -15.46 11.25 -26.05
C LYS A 148 -15.15 12.10 -24.83
N MET A 149 -15.61 11.65 -23.66
CA MET A 149 -15.40 12.38 -22.41
C MET A 149 -13.92 12.48 -22.04
N VAL A 150 -13.19 11.38 -22.18
CA VAL A 150 -11.76 11.40 -21.86
C VAL A 150 -11.03 12.40 -22.76
N ALA A 151 -11.41 12.43 -24.04
CA ALA A 151 -10.78 13.33 -25.01
C ALA A 151 -11.03 14.81 -24.71
N LEU A 152 -12.11 15.10 -23.97
CA LEU A 152 -12.43 16.48 -23.63
C LEU A 152 -11.69 16.97 -22.39
N LEU A 153 -10.97 16.06 -21.73
CA LEU A 153 -10.26 16.42 -20.51
C LEU A 153 -9.09 17.37 -20.74
N ASN A 154 -8.81 17.72 -21.99
CA ASN A 154 -7.74 18.67 -22.25
C ASN A 154 -8.25 20.10 -22.34
N LYS A 155 -9.56 20.29 -22.15
CA LYS A 155 -10.13 21.64 -22.16
C LYS A 155 -9.67 22.33 -20.88
N THR A 156 -9.86 23.65 -20.81
CA THR A 156 -9.42 24.39 -19.63
C THR A 156 -10.52 24.98 -18.75
N ASN A 157 -11.77 24.89 -19.19
CA ASN A 157 -12.87 25.41 -18.38
C ASN A 157 -13.05 24.44 -17.21
N VAL A 158 -12.75 24.90 -16.00
CA VAL A 158 -12.83 24.04 -14.82
C VAL A 158 -14.21 23.56 -14.42
N LYS A 159 -15.26 24.33 -14.71
CA LYS A 159 -16.60 23.91 -14.36
C LYS A 159 -17.03 22.82 -15.36
N PHE A 160 -16.59 22.96 -16.60
CA PHE A 160 -16.88 21.98 -17.63
C PHE A 160 -16.17 20.67 -17.29
N LEU A 161 -14.91 20.78 -16.89
CA LEU A 161 -14.12 19.59 -16.52
C LEU A 161 -14.70 18.88 -15.30
N ALA A 162 -15.21 19.64 -14.35
CA ALA A 162 -15.79 19.07 -13.15
C ALA A 162 -17.00 18.18 -13.52
N ILE A 163 -17.84 18.67 -14.43
CA ILE A 163 -19.00 17.90 -14.85
C ILE A 163 -18.58 16.67 -15.66
N THR A 164 -17.63 16.85 -16.57
CA THR A 164 -17.16 15.76 -17.41
C THR A 164 -16.55 14.64 -16.57
N THR A 165 -15.69 15.02 -15.63
CA THR A 165 -15.05 14.02 -14.77
C THR A 165 -16.09 13.33 -13.89
N ASP A 166 -17.13 14.04 -13.49
CA ASP A 166 -18.14 13.40 -12.65
C ASP A 166 -18.88 12.36 -13.47
N CYS A 167 -19.08 12.64 -14.76
CA CYS A 167 -19.76 11.70 -15.64
C CYS A 167 -18.93 10.42 -15.71
N LEU A 168 -17.61 10.59 -15.84
CA LEU A 168 -16.69 9.46 -15.90
C LEU A 168 -16.73 8.63 -14.62
N GLN A 169 -16.91 9.30 -13.49
CA GLN A 169 -16.97 8.64 -12.19
C GLN A 169 -18.20 7.73 -12.16
N ILE A 170 -19.34 8.28 -12.56
CA ILE A 170 -20.61 7.55 -12.59
C ILE A 170 -20.56 6.35 -13.53
N LEU A 171 -19.91 6.52 -14.68
CA LEU A 171 -19.81 5.46 -15.67
C LEU A 171 -18.83 4.36 -15.29
N ALA A 172 -17.79 4.74 -14.56
CA ALA A 172 -16.76 3.79 -14.16
C ALA A 172 -17.09 3.03 -12.89
N TYR A 173 -17.83 3.66 -11.98
CA TYR A 173 -18.16 3.01 -10.72
C TYR A 173 -18.74 1.60 -10.88
N GLY A 174 -18.07 0.62 -10.29
CA GLY A 174 -18.54 -0.75 -10.38
C GLY A 174 -18.70 -1.30 -11.77
N ASN A 175 -17.91 -0.81 -12.72
CA ASN A 175 -17.99 -1.30 -14.09
C ASN A 175 -16.57 -1.42 -14.66
N GLN A 176 -16.00 -2.61 -14.53
CA GLN A 176 -14.64 -2.90 -14.99
C GLN A 176 -14.44 -2.61 -16.47
N GLU A 177 -15.44 -2.92 -17.29
CA GLU A 177 -15.35 -2.67 -18.72
C GLU A 177 -15.09 -1.19 -19.00
N SER A 178 -15.81 -0.32 -18.29
CA SER A 178 -15.64 1.11 -18.47
C SER A 178 -14.28 1.58 -17.98
N LYS A 179 -13.77 0.96 -16.93
CA LYS A 179 -12.47 1.33 -16.40
C LYS A 179 -11.37 1.03 -17.43
N LEU A 180 -11.50 -0.09 -18.12
CA LEU A 180 -10.51 -0.47 -19.13
C LEU A 180 -10.57 0.44 -20.34
N ILE A 181 -11.76 0.88 -20.71
CA ILE A 181 -11.89 1.78 -21.86
C ILE A 181 -11.25 3.13 -21.50
N ILE A 182 -11.44 3.55 -20.25
CA ILE A 182 -10.88 4.82 -19.80
C ILE A 182 -9.36 4.74 -19.87
N LEU A 183 -8.82 3.61 -19.45
CA LEU A 183 -7.37 3.40 -19.50
C LEU A 183 -6.86 3.44 -20.94
N ALA A 184 -7.50 2.70 -21.83
CA ALA A 184 -7.09 2.66 -23.24
C ALA A 184 -7.17 4.04 -23.90
N SER A 185 -8.01 4.92 -23.36
CA SER A 185 -8.16 6.26 -23.91
C SER A 185 -7.18 7.25 -23.29
N GLY A 186 -6.34 6.76 -22.38
CA GLY A 186 -5.37 7.65 -21.73
C GLY A 186 -5.96 8.46 -20.58
N GLY A 187 -7.01 7.92 -19.96
CA GLY A 187 -7.64 8.62 -18.85
C GLY A 187 -6.69 8.91 -17.69
N PRO A 188 -5.90 7.92 -17.26
CA PRO A 188 -4.96 8.13 -16.15
C PRO A 188 -4.08 9.38 -16.26
N GLN A 189 -3.40 9.54 -17.39
CA GLN A 189 -2.53 10.70 -17.54
C GLN A 189 -3.34 11.98 -17.61
N ALA A 190 -4.50 11.93 -18.26
CA ALA A 190 -5.35 13.11 -18.38
C ALA A 190 -5.86 13.52 -16.99
N LEU A 191 -6.27 12.55 -16.20
CA LEU A 191 -6.78 12.81 -14.85
C LEU A 191 -5.67 13.33 -13.91
N VAL A 192 -4.49 12.74 -14.01
CA VAL A 192 -3.36 13.16 -13.18
C VAL A 192 -2.95 14.58 -13.55
N ASN A 193 -2.98 14.90 -14.85
CA ASN A 193 -2.62 16.23 -15.32
C ASN A 193 -3.55 17.27 -14.71
N ILE A 194 -4.83 16.94 -14.61
CA ILE A 194 -5.80 17.86 -14.01
C ILE A 194 -5.42 18.14 -12.56
N MET A 195 -5.03 17.10 -11.82
CA MET A 195 -4.65 17.25 -10.42
C MET A 195 -3.41 18.14 -10.25
N ARG A 196 -2.54 18.15 -11.25
CA ARG A 196 -1.31 18.94 -11.17
C ARG A 196 -1.47 20.35 -11.76
N THR A 197 -2.54 20.55 -12.51
CA THR A 197 -2.76 21.81 -13.21
C THR A 197 -3.78 22.80 -12.65
N TYR A 198 -4.87 22.30 -12.08
CA TYR A 198 -5.91 23.19 -11.58
C TYR A 198 -6.06 23.31 -10.07
N THR A 199 -6.69 24.40 -9.64
CA THR A 199 -6.90 24.66 -8.22
C THR A 199 -8.35 24.71 -7.79
N TYR A 200 -9.26 24.59 -8.74
CA TYR A 200 -10.69 24.62 -8.44
C TYR A 200 -11.05 23.36 -7.62
N GLU A 201 -11.48 23.58 -6.38
CA GLU A 201 -11.85 22.50 -5.46
C GLU A 201 -12.84 21.46 -5.97
N LYS A 202 -13.92 21.88 -6.59
CA LYS A 202 -14.91 20.91 -7.06
C LYS A 202 -14.32 19.97 -8.11
N LEU A 203 -13.51 20.53 -9.00
CA LEU A 203 -12.88 19.74 -10.05
C LEU A 203 -11.87 18.78 -9.44
N LEU A 204 -11.04 19.27 -8.53
CA LEU A 204 -10.03 18.43 -7.88
C LEU A 204 -10.71 17.27 -7.17
N TRP A 205 -11.81 17.57 -6.50
CA TRP A 205 -12.58 16.57 -5.77
C TRP A 205 -13.21 15.53 -6.72
N THR A 206 -13.89 16.01 -7.75
CA THR A 206 -14.52 15.10 -8.71
C THR A 206 -13.49 14.22 -9.41
N THR A 207 -12.35 14.80 -9.75
CA THR A 207 -11.29 14.06 -10.43
C THR A 207 -10.67 13.03 -9.47
N SER A 208 -10.49 13.41 -8.20
CA SER A 208 -9.91 12.49 -7.23
C SER A 208 -10.84 11.29 -7.05
N ARG A 209 -12.15 11.49 -7.24
CA ARG A 209 -13.11 10.40 -7.11
C ARG A 209 -12.99 9.44 -8.29
N VAL A 210 -12.71 9.98 -9.48
CA VAL A 210 -12.56 9.12 -10.65
C VAL A 210 -11.31 8.27 -10.42
N LEU A 211 -10.23 8.92 -10.00
CA LEU A 211 -8.98 8.22 -9.74
C LEU A 211 -9.14 7.16 -8.65
N LYS A 212 -9.97 7.46 -7.65
CA LYS A 212 -10.22 6.48 -6.57
C LYS A 212 -10.90 5.22 -7.13
N VAL A 213 -11.86 5.42 -8.04
CA VAL A 213 -12.56 4.30 -8.67
C VAL A 213 -11.57 3.47 -9.52
N LEU A 214 -10.70 4.14 -10.26
CA LEU A 214 -9.73 3.46 -11.10
C LEU A 214 -8.58 2.81 -10.32
N SER A 215 -8.27 3.34 -9.14
CA SER A 215 -7.16 2.83 -8.34
C SER A 215 -7.31 1.40 -7.81
N VAL A 216 -8.51 0.84 -7.84
CA VAL A 216 -8.69 -0.53 -7.37
C VAL A 216 -8.60 -1.53 -8.51
N CYS A 217 -8.42 -1.02 -9.73
CA CYS A 217 -8.28 -1.85 -10.92
C CYS A 217 -6.81 -2.17 -11.14
N SER A 218 -6.50 -3.45 -11.30
CA SER A 218 -5.12 -3.91 -11.49
C SER A 218 -4.45 -3.35 -12.74
N SER A 219 -5.23 -2.89 -13.70
CA SER A 219 -4.65 -2.32 -14.93
C SER A 219 -4.44 -0.82 -14.78
N ASN A 220 -5.44 -0.12 -14.24
CA ASN A 220 -5.33 1.32 -14.06
C ASN A 220 -4.32 1.73 -12.98
N LYS A 221 -4.24 0.95 -11.90
CA LYS A 221 -3.33 1.26 -10.80
C LYS A 221 -1.90 1.55 -11.28
N PRO A 222 -1.27 0.60 -11.99
CA PRO A 222 0.10 0.84 -12.46
C PRO A 222 0.18 2.07 -13.36
N ALA A 223 -0.82 2.25 -14.21
CA ALA A 223 -0.82 3.39 -15.12
C ALA A 223 -0.91 4.72 -14.38
N ILE A 224 -1.73 4.77 -13.32
CA ILE A 224 -1.87 6.00 -12.54
C ILE A 224 -0.54 6.33 -11.86
N VAL A 225 0.10 5.32 -11.27
CA VAL A 225 1.39 5.51 -10.60
C VAL A 225 2.46 6.00 -11.57
N GLU A 226 2.58 5.36 -12.73
CA GLU A 226 3.59 5.74 -13.72
C GLU A 226 3.34 7.14 -14.28
N ALA A 227 2.09 7.58 -14.27
CA ALA A 227 1.73 8.90 -14.77
C ALA A 227 2.07 9.99 -13.76
N GLY A 228 2.56 9.59 -12.58
CA GLY A 228 2.90 10.55 -11.55
C GLY A 228 1.74 10.84 -10.61
N GLY A 229 0.82 9.88 -10.52
CA GLY A 229 -0.35 10.03 -9.68
C GLY A 229 -0.11 10.21 -8.18
N MET A 230 0.86 9.50 -7.63
CA MET A 230 1.14 9.63 -6.21
C MET A 230 1.50 11.07 -5.84
N GLN A 231 2.47 11.61 -6.58
CA GLN A 231 2.95 12.97 -6.35
C GLN A 231 1.89 14.03 -6.58
N ALA A 232 1.04 13.84 -7.58
CA ALA A 232 -0.02 14.78 -7.90
C ALA A 232 -1.08 14.78 -6.80
N LEU A 233 -1.46 13.60 -6.33
CA LEU A 233 -2.44 13.50 -5.25
C LEU A 233 -1.86 14.11 -3.98
N GLY A 234 -0.56 13.93 -3.76
CA GLY A 234 0.09 14.48 -2.58
C GLY A 234 0.05 15.99 -2.49
N LEU A 235 -0.06 16.66 -3.63
CA LEU A 235 -0.13 18.12 -3.66
C LEU A 235 -1.34 18.69 -2.93
N HIS A 236 -2.37 17.88 -2.74
CA HIS A 236 -3.60 18.36 -2.13
C HIS A 236 -3.92 17.89 -0.72
N LEU A 237 -2.97 17.23 -0.07
CA LEU A 237 -3.18 16.72 1.27
C LEU A 237 -3.29 17.77 2.38
N THR A 238 -3.03 19.03 2.05
CA THR A 238 -3.15 20.09 3.06
C THR A 238 -4.27 21.07 2.67
N ASP A 239 -5.10 20.65 1.73
CA ASP A 239 -6.22 21.49 1.30
C ASP A 239 -7.24 21.56 2.43
N PRO A 240 -7.91 22.71 2.58
CA PRO A 240 -8.91 22.89 3.64
C PRO A 240 -10.12 21.98 3.42
N SER A 241 -10.36 21.57 2.17
CA SER A 241 -11.47 20.71 1.87
C SER A 241 -11.18 19.30 2.37
N GLN A 242 -11.92 18.85 3.38
CA GLN A 242 -11.73 17.53 3.94
C GLN A 242 -12.18 16.43 2.98
N ARG A 243 -13.18 16.70 2.15
CA ARG A 243 -13.64 15.68 1.21
C ARG A 243 -12.55 15.44 0.16
N LEU A 244 -11.83 16.48 -0.21
CA LEU A 244 -10.75 16.36 -1.20
C LEU A 244 -9.57 15.62 -0.59
N VAL A 245 -9.21 15.99 0.63
CA VAL A 245 -8.10 15.36 1.33
C VAL A 245 -8.37 13.87 1.52
N GLN A 246 -9.56 13.53 2.01
CA GLN A 246 -9.90 12.13 2.26
C GLN A 246 -9.90 11.30 0.98
N ASN A 247 -10.44 11.84 -0.10
CA ASN A 247 -10.47 11.11 -1.36
C ASN A 247 -9.06 10.91 -1.90
N CYS A 248 -8.19 11.90 -1.70
CA CYS A 248 -6.81 11.75 -2.16
C CYS A 248 -6.15 10.66 -1.32
N LEU A 249 -6.35 10.70 0.00
CA LEU A 249 -5.75 9.70 0.89
C LEU A 249 -6.20 8.28 0.58
N TRP A 250 -7.50 8.08 0.32
CA TRP A 250 -7.99 6.73 -0.01
C TRP A 250 -7.34 6.23 -1.30
N THR A 251 -7.30 7.11 -2.30
CA THR A 251 -6.71 6.76 -3.58
C THR A 251 -5.25 6.43 -3.42
N LEU A 252 -4.52 7.29 -2.70
CA LEU A 252 -3.09 7.07 -2.46
C LEU A 252 -2.84 5.72 -1.82
N ARG A 253 -3.69 5.36 -0.85
CA ARG A 253 -3.52 4.09 -0.16
C ARG A 253 -3.77 2.89 -1.08
N ASN A 254 -4.79 2.99 -1.93
CA ASN A 254 -5.10 1.90 -2.86
C ASN A 254 -3.94 1.69 -3.84
N LEU A 255 -3.31 2.79 -4.22
CA LEU A 255 -2.20 2.80 -5.16
C LEU A 255 -0.84 2.45 -4.56
N SER A 256 -0.68 2.73 -3.25
CA SER A 256 0.59 2.56 -2.57
C SER A 256 1.39 1.26 -2.71
N ASP A 257 0.71 0.11 -2.77
CA ASP A 257 1.45 -1.14 -2.90
C ASP A 257 2.16 -1.25 -4.25
N ALA A 258 1.79 -0.39 -5.20
CA ALA A 258 2.42 -0.41 -6.52
C ALA A 258 3.30 0.82 -6.76
N ALA A 259 3.59 1.56 -5.70
CA ALA A 259 4.40 2.78 -5.85
C ALA A 259 5.73 2.79 -5.10
N THR A 260 6.21 1.63 -4.66
CA THR A 260 7.45 1.57 -3.89
C THR A 260 8.73 1.88 -4.67
N LYS A 261 8.63 2.03 -5.98
CA LYS A 261 9.80 2.33 -6.81
C LYS A 261 9.78 3.77 -7.34
N GLN A 262 8.74 4.53 -7.01
CA GLN A 262 8.62 5.92 -7.45
C GLN A 262 9.64 6.85 -6.81
N GLU A 263 10.08 7.86 -7.56
CA GLU A 263 11.04 8.86 -7.09
C GLU A 263 10.28 10.19 -6.95
N GLY A 264 10.93 11.20 -6.40
CA GLY A 264 10.28 12.49 -6.21
C GLY A 264 9.13 12.41 -5.21
N MET A 265 9.28 11.56 -4.21
CA MET A 265 8.25 11.34 -3.19
C MET A 265 8.49 12.11 -1.88
N GLU A 266 9.56 12.90 -1.83
CA GLU A 266 9.88 13.68 -0.63
C GLU A 266 8.71 14.46 -0.06
N GLY A 267 8.10 15.31 -0.89
CA GLY A 267 6.99 16.12 -0.44
C GLY A 267 5.83 15.33 0.11
N LEU A 268 5.43 14.28 -0.60
CA LEU A 268 4.33 13.43 -0.16
C LEU A 268 4.66 12.80 1.20
N LEU A 269 5.88 12.26 1.32
CA LEU A 269 6.33 11.61 2.55
C LEU A 269 6.27 12.60 3.72
N GLY A 270 6.76 13.81 3.50
CA GLY A 270 6.74 14.81 4.55
C GLY A 270 5.33 15.10 5.04
N THR A 271 4.40 15.26 4.11
CA THR A 271 3.02 15.55 4.48
C THR A 271 2.36 14.39 5.23
N LEU A 272 2.60 13.16 4.77
CA LEU A 272 2.01 11.99 5.41
C LEU A 272 2.43 11.90 6.87
N VAL A 273 3.70 12.21 7.16
CA VAL A 273 4.17 12.18 8.53
C VAL A 273 3.41 13.20 9.38
N GLN A 274 3.19 14.39 8.84
CA GLN A 274 2.45 15.42 9.55
C GLN A 274 1.02 14.98 9.82
N LEU A 275 0.38 14.36 8.84
CA LEU A 275 -0.99 13.91 8.99
C LEU A 275 -1.16 12.84 10.07
N LEU A 276 -0.04 12.24 10.50
CA LEU A 276 -0.11 11.23 11.54
C LEU A 276 -0.56 11.85 12.87
N GLY A 277 -0.46 13.17 12.97
CA GLY A 277 -0.86 13.86 14.18
C GLY A 277 -2.29 14.39 14.14
N SER A 278 -3.01 14.07 13.08
CA SER A 278 -4.39 14.52 12.94
C SER A 278 -5.31 13.89 13.98
N ASP A 279 -6.44 14.53 14.23
CA ASP A 279 -7.41 14.01 15.19
C ASP A 279 -8.47 13.21 14.46
N ASP A 280 -8.40 13.25 13.12
CA ASP A 280 -9.33 12.52 12.28
C ASP A 280 -8.82 11.09 12.11
N ILE A 281 -9.55 10.14 12.65
CA ILE A 281 -9.17 8.73 12.58
C ILE A 281 -8.92 8.22 11.16
N ASN A 282 -9.75 8.61 10.21
CA ASN A 282 -9.57 8.16 8.83
C ASN A 282 -8.28 8.69 8.22
N VAL A 283 -7.94 9.94 8.55
CA VAL A 283 -6.72 10.54 8.03
C VAL A 283 -5.52 9.78 8.59
N VAL A 284 -5.52 9.57 9.91
CA VAL A 284 -4.43 8.85 10.57
C VAL A 284 -4.30 7.42 10.03
N THR A 285 -5.41 6.70 9.92
CA THR A 285 -5.34 5.32 9.43
C THR A 285 -4.78 5.25 8.01
N CYS A 286 -5.23 6.14 7.13
CA CYS A 286 -4.75 6.15 5.76
C CYS A 286 -3.28 6.52 5.69
N ALA A 287 -2.90 7.58 6.40
CA ALA A 287 -1.51 8.04 6.39
C ALA A 287 -0.60 6.91 6.85
N ALA A 288 -0.99 6.18 7.89
CA ALA A 288 -0.17 5.08 8.39
C ALA A 288 -0.08 3.96 7.35
N GLY A 289 -1.20 3.65 6.71
CA GLY A 289 -1.22 2.60 5.70
C GLY A 289 -0.35 2.95 4.50
N ILE A 290 -0.45 4.19 4.04
CA ILE A 290 0.35 4.62 2.89
C ILE A 290 1.84 4.58 3.25
N LEU A 291 2.20 5.10 4.41
CA LEU A 291 3.59 5.11 4.85
C LEU A 291 4.16 3.70 5.01
N SER A 292 3.31 2.76 5.43
CA SER A 292 3.75 1.38 5.61
C SER A 292 4.23 0.82 4.26
N ASN A 293 3.44 1.03 3.20
CA ASN A 293 3.83 0.52 1.88
C ASN A 293 4.99 1.27 1.23
N LEU A 294 5.00 2.60 1.34
CA LEU A 294 6.07 3.39 0.72
C LEU A 294 7.44 3.18 1.38
N THR A 295 7.46 2.70 2.63
CA THR A 295 8.74 2.44 3.30
C THR A 295 9.21 1.02 3.02
N CYS A 296 8.50 0.30 2.16
CA CYS A 296 8.87 -1.08 1.81
C CYS A 296 10.05 -1.15 0.83
N ASN A 297 11.20 -1.59 1.33
CA ASN A 297 12.41 -1.77 0.52
C ASN A 297 12.94 -0.56 -0.23
N ASN A 298 12.53 0.63 0.16
CA ASN A 298 13.01 1.84 -0.51
C ASN A 298 13.84 2.60 0.52
N TYR A 299 15.17 2.55 0.38
CA TYR A 299 16.03 3.22 1.35
C TYR A 299 15.97 4.75 1.32
N LYS A 300 15.65 5.33 0.17
CA LYS A 300 15.54 6.79 0.10
C LYS A 300 14.29 7.23 0.84
N ASN A 301 13.20 6.47 0.68
CA ASN A 301 11.94 6.78 1.35
C ASN A 301 12.10 6.58 2.86
N LYS A 302 12.81 5.52 3.25
CA LYS A 302 13.04 5.28 4.67
C LYS A 302 13.85 6.44 5.24
N MET A 303 14.89 6.84 4.52
CA MET A 303 15.76 7.94 4.94
C MET A 303 14.98 9.25 5.15
N MET A 304 14.12 9.58 4.18
CA MET A 304 13.33 10.80 4.23
C MET A 304 12.32 10.78 5.38
N VAL A 305 11.65 9.64 5.57
CA VAL A 305 10.67 9.53 6.64
C VAL A 305 11.31 9.74 8.00
N CYS A 306 12.51 9.18 8.19
CA CYS A 306 13.21 9.34 9.46
C CYS A 306 13.71 10.78 9.61
N GLN A 307 14.12 11.37 8.50
CA GLN A 307 14.65 12.73 8.48
C GLN A 307 13.63 13.77 8.98
N VAL A 308 12.35 13.55 8.67
CA VAL A 308 11.32 14.50 9.10
C VAL A 308 10.61 14.12 10.39
N GLY A 309 11.24 13.29 11.21
CA GLY A 309 10.64 12.90 12.47
C GLY A 309 9.58 11.82 12.40
N GLY A 310 9.64 10.98 11.39
CA GLY A 310 8.67 9.92 11.24
C GLY A 310 8.63 8.92 12.38
N ILE A 311 9.78 8.60 12.98
CA ILE A 311 9.79 7.63 14.07
C ILE A 311 8.97 8.14 15.25
N GLU A 312 9.22 9.39 15.67
CA GLU A 312 8.48 9.95 16.79
C GLU A 312 6.98 10.00 16.51
N ALA A 313 6.63 10.44 15.31
CA ALA A 313 5.22 10.53 14.92
C ALA A 313 4.54 9.16 14.90
N LEU A 314 5.24 8.15 14.39
CA LEU A 314 4.65 6.82 14.34
C LEU A 314 4.48 6.26 15.75
N VAL A 315 5.47 6.50 16.62
CA VAL A 315 5.38 6.01 17.98
C VAL A 315 4.17 6.65 18.67
N ARG A 316 4.00 7.96 18.48
CA ARG A 316 2.85 8.67 19.07
C ARG A 316 1.54 8.08 18.53
N THR A 317 1.49 7.85 17.23
CA THR A 317 0.30 7.27 16.62
C THR A 317 -0.05 5.95 17.27
N VAL A 318 0.95 5.13 17.55
CA VAL A 318 0.72 3.83 18.17
C VAL A 318 0.20 4.03 19.59
N LEU A 319 0.82 4.96 20.31
CA LEU A 319 0.42 5.27 21.68
C LEU A 319 -1.06 5.64 21.75
N ARG A 320 -1.46 6.60 20.93
CA ARG A 320 -2.84 7.07 20.90
C ARG A 320 -3.86 6.06 20.39
N ALA A 321 -3.46 5.22 19.44
CA ALA A 321 -4.37 4.22 18.88
C ALA A 321 -4.87 3.20 19.89
N GLY A 322 -4.09 2.92 20.92
CA GLY A 322 -4.51 1.93 21.89
C GLY A 322 -4.71 0.57 21.25
N ASP A 323 -5.93 0.03 21.32
CA ASP A 323 -6.20 -1.28 20.73
C ASP A 323 -6.77 -1.26 19.32
N ARG A 324 -6.78 -0.09 18.67
CA ARG A 324 -7.30 0.03 17.30
C ARG A 324 -6.25 -0.49 16.32
N GLU A 325 -6.38 -1.77 15.96
CA GLU A 325 -5.44 -2.43 15.06
C GLU A 325 -5.42 -1.95 13.62
N ASP A 326 -6.49 -1.28 13.19
CA ASP A 326 -6.53 -0.76 11.83
C ASP A 326 -5.51 0.37 11.73
N ILE A 327 -5.05 0.85 12.89
CA ILE A 327 -4.05 1.91 12.95
C ILE A 327 -2.69 1.38 13.40
N THR A 328 -2.67 0.64 14.51
CA THR A 328 -1.42 0.11 15.04
C THR A 328 -0.70 -0.88 14.11
N GLU A 329 -1.46 -1.70 13.39
CA GLU A 329 -0.83 -2.67 12.50
C GLU A 329 0.02 -2.00 11.42
N PRO A 330 -0.57 -1.08 10.64
CA PRO A 330 0.27 -0.46 9.60
C PRO A 330 1.36 0.42 10.21
N ALA A 331 1.07 1.06 11.35
CA ALA A 331 2.07 1.91 12.01
C ALA A 331 3.24 1.07 12.48
N ILE A 332 2.95 -0.10 13.04
CA ILE A 332 4.00 -1.03 13.52
C ILE A 332 4.80 -1.55 12.31
N CYS A 333 4.12 -1.90 11.21
CA CYS A 333 4.83 -2.38 10.01
C CYS A 333 5.74 -1.27 9.47
N ALA A 334 5.26 -0.03 9.49
CA ALA A 334 6.08 1.08 9.00
C ALA A 334 7.33 1.17 9.86
N LEU A 335 7.15 1.10 11.19
CA LEU A 335 8.29 1.16 12.11
C LEU A 335 9.25 0.00 11.85
N ARG A 336 8.72 -1.18 11.58
CA ARG A 336 9.58 -2.32 11.29
C ARG A 336 10.40 -2.04 10.04
N HIS A 337 9.78 -1.48 9.01
CA HIS A 337 10.50 -1.18 7.78
C HIS A 337 11.59 -0.15 8.02
N LEU A 338 11.29 0.84 8.85
CA LEU A 338 12.19 1.94 9.18
C LEU A 338 13.35 1.63 10.12
N THR A 339 13.30 0.49 10.80
CA THR A 339 14.37 0.12 11.71
C THR A 339 15.24 -0.96 11.07
N SER A 340 15.22 -1.02 9.75
CA SER A 340 15.99 -2.03 9.04
C SER A 340 16.42 -1.68 7.62
N ARG A 341 17.60 -2.19 7.27
CA ARG A 341 18.19 -2.05 5.94
C ARG A 341 18.28 -0.68 5.27
N HIS A 342 18.87 0.29 5.96
CA HIS A 342 19.10 1.61 5.40
C HIS A 342 20.04 2.37 6.31
N GLN A 343 20.73 3.36 5.74
CA GLN A 343 21.72 4.14 6.46
C GLN A 343 21.29 4.68 7.83
N GLU A 344 20.00 4.93 8.01
CA GLU A 344 19.53 5.47 9.29
C GLU A 344 18.76 4.48 10.18
N ALA A 345 18.84 3.19 9.86
CA ALA A 345 18.14 2.19 10.65
C ALA A 345 18.56 2.20 12.12
N GLU A 346 19.86 2.30 12.37
CA GLU A 346 20.37 2.31 13.74
C GLU A 346 19.81 3.49 14.53
N MET A 347 19.81 4.66 13.90
CA MET A 347 19.28 5.85 14.55
C MET A 347 17.80 5.62 14.86
N ALA A 348 17.09 5.01 13.91
CA ALA A 348 15.66 4.75 14.10
C ALA A 348 15.42 3.78 15.27
N GLN A 349 16.25 2.74 15.36
CA GLN A 349 16.11 1.76 16.45
C GLN A 349 16.23 2.46 17.80
N ASN A 350 17.17 3.40 17.89
CA ASN A 350 17.38 4.16 19.11
C ASN A 350 16.27 5.17 19.35
N ALA A 351 15.79 5.76 18.26
CA ALA A 351 14.73 6.76 18.35
C ALA A 351 13.46 6.19 18.97
N VAL A 352 13.12 4.96 18.61
CA VAL A 352 11.91 4.34 19.17
C VAL A 352 11.94 4.32 20.69
N ARG A 353 13.13 4.08 21.26
CA ARG A 353 13.29 4.04 22.70
C ARG A 353 13.24 5.44 23.32
N LEU A 354 13.97 6.37 22.70
CA LEU A 354 14.04 7.74 23.18
C LEU A 354 12.66 8.42 23.21
N HIS A 355 11.76 7.98 22.34
CA HIS A 355 10.42 8.54 22.29
C HIS A 355 9.41 7.70 23.08
N TYR A 356 9.93 6.94 24.03
CA TYR A 356 9.12 6.09 24.92
C TYR A 356 8.24 5.05 24.21
N GLY A 357 8.75 4.49 23.13
CA GLY A 357 7.97 3.51 22.40
C GLY A 357 8.14 2.05 22.77
N LEU A 358 9.18 1.70 23.53
CA LEU A 358 9.39 0.30 23.90
C LEU A 358 8.26 -0.33 24.72
N PRO A 359 7.73 0.38 25.74
CA PRO A 359 6.65 -0.18 26.54
C PRO A 359 5.40 -0.54 25.72
N VAL A 360 5.01 0.34 24.81
CA VAL A 360 3.84 0.07 23.98
C VAL A 360 4.08 -1.01 22.95
N VAL A 361 5.28 -1.04 22.36
CA VAL A 361 5.57 -2.09 21.37
C VAL A 361 5.47 -3.47 22.01
N VAL A 362 6.10 -3.64 23.17
CA VAL A 362 6.04 -4.93 23.86
C VAL A 362 4.61 -5.26 24.29
N LYS A 363 3.85 -4.25 24.67
CA LYS A 363 2.47 -4.46 25.09
C LYS A 363 1.64 -5.10 23.97
N LEU A 364 1.89 -4.68 22.73
CA LEU A 364 1.15 -5.20 21.60
C LEU A 364 1.33 -6.70 21.33
N LEU A 365 2.26 -7.33 22.05
CA LEU A 365 2.47 -8.77 21.91
C LEU A 365 1.37 -9.56 22.64
N HIS A 366 0.63 -8.89 23.53
CA HIS A 366 -0.41 -9.56 24.31
C HIS A 366 -1.83 -9.32 23.81
N PRO A 367 -2.80 -10.11 24.30
CA PRO A 367 -4.18 -9.91 23.87
C PRO A 367 -4.54 -8.46 24.23
N PRO A 368 -5.52 -7.88 23.54
CA PRO A 368 -6.36 -8.42 22.47
C PRO A 368 -5.77 -8.41 21.06
N SER A 369 -4.46 -8.16 20.93
CA SER A 369 -3.85 -8.12 19.60
C SER A 369 -4.10 -9.40 18.80
N HIS A 370 -4.42 -9.24 17.52
CA HIS A 370 -4.65 -10.39 16.66
C HIS A 370 -3.33 -10.79 16.01
N TRP A 371 -3.29 -11.96 15.38
CA TRP A 371 -2.07 -12.47 14.76
C TRP A 371 -1.30 -11.55 13.82
N PRO A 372 -1.98 -10.89 12.87
CA PRO A 372 -1.23 -10.01 11.97
C PRO A 372 -0.40 -8.96 12.70
N LEU A 373 -1.00 -8.32 13.70
CA LEU A 373 -0.31 -7.31 14.48
C LEU A 373 0.79 -7.94 15.35
N ILE A 374 0.53 -9.14 15.87
CA ILE A 374 1.54 -9.79 16.69
C ILE A 374 2.77 -10.10 15.84
N LYS A 375 2.54 -10.59 14.64
CA LYS A 375 3.63 -10.92 13.72
C LYS A 375 4.46 -9.69 13.39
N ALA A 376 3.80 -8.57 13.11
CA ALA A 376 4.51 -7.34 12.78
C ALA A 376 5.29 -6.84 14.00
N THR A 377 4.68 -6.93 15.18
CA THR A 377 5.32 -6.50 16.42
C THR A 377 6.58 -7.31 16.74
N VAL A 378 6.50 -8.62 16.54
CA VAL A 378 7.64 -9.49 16.78
C VAL A 378 8.78 -9.09 15.84
N GLY A 379 8.43 -8.83 14.58
CA GLY A 379 9.43 -8.41 13.60
C GLY A 379 10.07 -7.08 13.98
N LEU A 380 9.27 -6.18 14.54
CA LEU A 380 9.78 -4.87 14.95
C LEU A 380 10.73 -5.05 16.14
N ILE A 381 10.35 -5.90 17.09
CA ILE A 381 11.19 -6.13 18.26
C ILE A 381 12.54 -6.73 17.83
N ARG A 382 12.51 -7.58 16.82
CA ARG A 382 13.74 -8.19 16.34
C ARG A 382 14.69 -7.10 15.83
N ASN A 383 14.14 -6.13 15.10
CA ASN A 383 14.94 -5.02 14.58
C ASN A 383 15.43 -4.10 15.69
N LEU A 384 14.57 -3.80 16.66
CA LEU A 384 14.94 -2.93 17.77
C LEU A 384 16.06 -3.54 18.59
N ALA A 385 16.10 -4.87 18.64
CA ALA A 385 17.12 -5.60 19.39
C ALA A 385 18.49 -5.48 18.77
N LEU A 386 18.56 -4.98 17.53
CA LEU A 386 19.86 -4.82 16.87
C LEU A 386 20.65 -3.72 17.57
N CYS A 387 19.93 -2.85 18.28
CA CYS A 387 20.54 -1.76 19.04
C CYS A 387 20.79 -2.22 20.48
N PRO A 388 22.08 -2.33 20.89
CA PRO A 388 22.43 -2.76 22.25
C PRO A 388 21.76 -1.96 23.36
N ALA A 389 21.51 -0.68 23.11
CA ALA A 389 20.86 0.15 24.12
C ALA A 389 19.41 -0.25 24.34
N ASN A 390 18.89 -1.14 23.51
CA ASN A 390 17.52 -1.62 23.66
C ASN A 390 17.43 -2.99 24.34
N HIS A 391 18.57 -3.66 24.48
CA HIS A 391 18.59 -4.98 25.10
C HIS A 391 17.97 -5.04 26.50
N ALA A 392 18.44 -4.20 27.41
CA ALA A 392 17.93 -4.20 28.78
C ALA A 392 16.47 -3.73 28.89
N PRO A 393 16.11 -2.58 28.31
CA PRO A 393 14.73 -2.15 28.43
C PRO A 393 13.73 -3.13 27.82
N LEU A 394 14.10 -3.78 26.73
CA LEU A 394 13.21 -4.77 26.13
C LEU A 394 13.03 -5.90 27.13
N ARG A 395 14.13 -6.32 27.74
CA ARG A 395 14.09 -7.38 28.73
C ARG A 395 13.17 -6.95 29.89
N GLU A 396 13.43 -5.76 30.42
CA GLU A 396 12.66 -5.23 31.53
C GLU A 396 11.16 -5.07 31.25
N GLN A 397 10.78 -5.05 29.98
CA GLN A 397 9.36 -4.93 29.63
C GLN A 397 8.69 -6.31 29.56
N GLY A 398 9.46 -7.35 29.86
CA GLY A 398 8.92 -8.71 29.85
C GLY A 398 8.77 -9.34 28.48
N ALA A 399 9.50 -8.83 27.50
CA ALA A 399 9.42 -9.36 26.13
C ALA A 399 9.84 -10.82 25.98
N ILE A 400 10.89 -11.23 26.68
CA ILE A 400 11.40 -12.58 26.55
C ILE A 400 10.47 -13.73 26.93
N PRO A 401 9.81 -13.67 28.10
CA PRO A 401 8.91 -14.79 28.40
C PRO A 401 7.76 -14.85 27.40
N ARG A 402 7.26 -13.69 26.99
CA ARG A 402 6.15 -13.64 26.04
C ARG A 402 6.58 -14.18 24.67
N LEU A 403 7.76 -13.80 24.20
CA LEU A 403 8.25 -14.29 22.91
C LEU A 403 8.38 -15.83 22.97
N VAL A 404 8.87 -16.32 24.11
CA VAL A 404 9.05 -17.76 24.30
C VAL A 404 7.70 -18.49 24.32
N GLN A 405 6.72 -17.90 25.01
CA GLN A 405 5.39 -18.49 25.07
C GLN A 405 4.76 -18.57 23.68
N LEU A 406 4.87 -17.48 22.91
CA LEU A 406 4.34 -17.42 21.56
C LEU A 406 5.01 -18.48 20.68
N LEU A 407 6.33 -18.60 20.84
CA LEU A 407 7.12 -19.56 20.09
C LEU A 407 6.67 -21.00 20.37
N VAL A 408 6.54 -21.33 21.65
CA VAL A 408 6.15 -22.68 22.06
C VAL A 408 4.77 -23.05 21.54
N ARG A 409 3.80 -22.15 21.72
CA ARG A 409 2.44 -22.43 21.25
C ARG A 409 2.37 -22.57 19.73
N ALA A 410 3.06 -21.68 19.01
CA ALA A 410 3.05 -21.72 17.55
C ALA A 410 3.71 -23.01 17.03
N HIS A 411 4.78 -23.45 17.71
CA HIS A 411 5.48 -24.67 17.32
C HIS A 411 4.57 -25.88 17.49
N GLN A 412 3.90 -25.96 18.64
CA GLN A 412 3.00 -27.08 18.90
C GLN A 412 1.91 -27.10 17.84
N ASP A 413 1.42 -25.93 17.45
CA ASP A 413 0.39 -25.84 16.43
C ASP A 413 0.89 -26.40 15.09
N THR A 414 2.16 -26.22 14.78
CA THR A 414 2.72 -26.71 13.52
C THR A 414 2.93 -28.23 13.55
N GLN A 415 3.00 -28.81 14.74
CA GLN A 415 3.22 -30.23 14.87
C GLN A 415 1.92 -31.04 14.90
N ARG A 416 0.85 -30.45 15.41
CA ARG A 416 -0.43 -31.15 15.46
C ARG A 416 -1.18 -31.01 14.14
N GLN A 426 -3.52 -24.61 9.19
CA GLN A 426 -2.48 -23.89 8.44
C GLN A 426 -2.54 -22.39 8.70
N PHE A 427 -3.49 -21.72 8.05
CA PHE A 427 -3.66 -20.29 8.19
C PHE A 427 -4.57 -19.90 9.34
N VAL A 428 -4.07 -19.04 10.23
CA VAL A 428 -4.84 -18.57 11.36
C VAL A 428 -4.91 -17.05 11.23
N GLU A 429 -6.09 -16.55 10.88
CA GLU A 429 -6.29 -15.12 10.69
C GLU A 429 -5.37 -14.61 9.58
N GLY A 430 -4.98 -15.53 8.69
CA GLY A 430 -4.11 -15.17 7.58
C GLY A 430 -2.63 -15.31 7.87
N VAL A 431 -2.29 -15.86 9.02
CA VAL A 431 -0.89 -16.05 9.41
C VAL A 431 -0.59 -17.50 9.72
N ARG A 432 0.46 -18.03 9.10
CA ARG A 432 0.86 -19.40 9.36
C ARG A 432 1.70 -19.41 10.63
N MET A 433 1.50 -20.40 11.49
CA MET A 433 2.25 -20.46 12.73
C MET A 433 3.74 -20.68 12.53
N GLU A 434 4.14 -21.11 11.34
CA GLU A 434 5.55 -21.31 11.05
C GLU A 434 6.20 -19.92 11.01
N GLU A 435 5.41 -18.93 10.61
CA GLU A 435 5.89 -17.55 10.53
C GLU A 435 6.15 -17.02 11.94
N ILE A 436 5.30 -17.43 12.87
CA ILE A 436 5.45 -17.00 14.25
C ILE A 436 6.67 -17.68 14.87
N VAL A 437 6.84 -18.97 14.57
CA VAL A 437 7.98 -19.71 15.07
C VAL A 437 9.27 -19.04 14.61
N GLU A 438 9.35 -18.77 13.31
CA GLU A 438 10.52 -18.14 12.73
C GLU A 438 10.74 -16.73 13.29
N GLY A 439 9.68 -15.94 13.37
CA GLY A 439 9.80 -14.59 13.89
C GLY A 439 10.27 -14.51 15.34
N CYS A 440 9.65 -15.30 16.21
CA CYS A 440 10.01 -15.30 17.63
C CYS A 440 11.44 -15.83 17.87
N THR A 441 11.80 -16.93 17.21
CA THR A 441 13.15 -17.47 17.37
C THR A 441 14.14 -16.43 16.82
N GLY A 442 13.74 -15.73 15.77
CA GLY A 442 14.59 -14.70 15.19
C GLY A 442 14.83 -13.55 16.16
N ALA A 443 13.79 -13.11 16.86
CA ALA A 443 13.94 -12.01 17.81
C ALA A 443 14.78 -12.47 19.01
N LEU A 444 14.58 -13.70 19.46
CA LEU A 444 15.33 -14.22 20.59
C LEU A 444 16.81 -14.33 20.19
N HIS A 445 17.05 -14.63 18.92
CA HIS A 445 18.40 -14.73 18.39
C HIS A 445 19.15 -13.41 18.58
N ILE A 446 18.49 -12.30 18.25
CA ILE A 446 19.14 -11.00 18.40
C ILE A 446 19.27 -10.62 19.87
N LEU A 447 18.19 -10.82 20.63
CA LEU A 447 18.21 -10.49 22.05
C LEU A 447 19.30 -11.28 22.80
N ALA A 448 19.59 -12.49 22.33
CA ALA A 448 20.61 -13.32 22.96
C ALA A 448 22.02 -12.74 22.85
N ARG A 449 22.18 -11.62 22.15
CA ARG A 449 23.50 -11.00 22.04
C ARG A 449 23.92 -10.43 23.40
N ASP A 450 22.94 -10.23 24.27
CA ASP A 450 23.19 -9.69 25.60
C ASP A 450 23.29 -10.80 26.63
N VAL A 451 24.35 -10.76 27.45
CA VAL A 451 24.57 -11.79 28.47
C VAL A 451 23.42 -11.95 29.45
N HIS A 452 22.83 -10.85 29.92
CA HIS A 452 21.71 -10.98 30.85
C HIS A 452 20.50 -11.60 30.18
N ASN A 453 20.30 -11.30 28.88
CA ASN A 453 19.18 -11.87 28.14
C ASN A 453 19.37 -13.38 27.98
N ARG A 454 20.61 -13.81 27.76
CA ARG A 454 20.90 -15.24 27.61
C ARG A 454 20.49 -16.02 28.86
N ILE A 455 20.73 -15.44 30.01
CA ILE A 455 20.38 -16.07 31.27
C ILE A 455 18.86 -16.26 31.37
N VAL A 456 18.10 -15.22 31.01
CA VAL A 456 16.63 -15.30 31.05
C VAL A 456 16.15 -16.35 30.05
N ILE A 457 16.66 -16.26 28.82
CA ILE A 457 16.30 -17.19 27.76
C ILE A 457 16.58 -18.64 28.17
N ARG A 458 17.77 -18.88 28.71
CA ARG A 458 18.12 -20.24 29.14
C ARG A 458 17.29 -20.69 30.33
N GLY A 459 17.01 -19.76 31.25
CA GLY A 459 16.23 -20.09 32.43
C GLY A 459 14.78 -20.46 32.15
N LEU A 460 14.31 -20.14 30.94
CA LEU A 460 12.95 -20.45 30.55
C LEU A 460 12.91 -21.84 29.93
N ASN A 461 13.99 -22.59 30.12
CA ASN A 461 14.11 -23.95 29.60
C ASN A 461 13.78 -24.02 28.12
N THR A 462 14.48 -23.21 27.33
CA THR A 462 14.28 -23.12 25.89
C THR A 462 15.23 -23.94 25.02
N ILE A 463 16.36 -24.33 25.56
CA ILE A 463 17.33 -25.10 24.80
C ILE A 463 16.77 -26.36 24.15
N PRO A 464 15.97 -27.15 24.89
CA PRO A 464 15.39 -28.36 24.27
C PRO A 464 14.56 -28.01 23.04
N LEU A 465 13.82 -26.91 23.12
CA LEU A 465 12.98 -26.47 22.00
C LEU A 465 13.85 -26.04 20.82
N PHE A 466 14.83 -25.18 21.08
CA PHE A 466 15.71 -24.69 20.01
C PHE A 466 16.36 -25.86 19.27
N VAL A 467 16.79 -26.88 20.01
CA VAL A 467 17.40 -28.04 19.40
C VAL A 467 16.40 -28.75 18.48
N GLN A 468 15.15 -28.86 18.91
CA GLN A 468 14.13 -29.50 18.09
C GLN A 468 13.85 -28.71 16.81
N LEU A 469 13.94 -27.38 16.89
CA LEU A 469 13.69 -26.54 15.73
C LEU A 469 14.76 -26.76 14.66
N LEU A 470 15.87 -27.37 15.08
CA LEU A 470 16.97 -27.67 14.16
C LEU A 470 16.47 -28.66 13.10
N TYR A 471 15.47 -29.46 13.46
CA TYR A 471 14.91 -30.46 12.55
C TYR A 471 13.83 -29.88 11.63
N SER A 472 13.53 -28.60 11.76
CA SER A 472 12.52 -27.98 10.92
C SER A 472 12.88 -28.10 9.44
N PRO A 473 11.86 -28.28 8.58
CA PRO A 473 12.08 -28.39 7.14
C PRO A 473 12.21 -27.00 6.53
N ILE A 474 11.90 -25.98 7.32
CA ILE A 474 11.99 -24.60 6.88
C ILE A 474 13.39 -24.07 7.11
N GLU A 475 14.07 -23.71 6.02
CA GLU A 475 15.43 -23.21 6.08
C GLU A 475 15.63 -22.00 7.00
N ASN A 476 14.73 -21.03 6.93
CA ASN A 476 14.88 -19.85 7.77
C ASN A 476 14.70 -20.17 9.26
N ILE A 477 13.96 -21.22 9.57
CA ILE A 477 13.75 -21.61 10.96
C ILE A 477 15.04 -22.28 11.45
N GLN A 478 15.62 -23.11 10.59
CA GLN A 478 16.88 -23.79 10.92
C GLN A 478 17.95 -22.73 11.21
N ARG A 479 17.94 -21.65 10.42
CA ARG A 479 18.91 -20.58 10.55
C ARG A 479 18.84 -19.84 11.90
N VAL A 480 17.65 -19.42 12.31
CA VAL A 480 17.52 -18.71 13.58
C VAL A 480 17.66 -19.62 14.81
N ALA A 481 17.31 -20.89 14.65
CA ALA A 481 17.45 -21.84 15.76
C ALA A 481 18.94 -22.07 15.99
N ALA A 482 19.68 -22.32 14.89
CA ALA A 482 21.11 -22.52 15.00
C ALA A 482 21.74 -21.21 15.50
N GLY A 483 21.19 -20.09 15.03
CA GLY A 483 21.69 -18.79 15.44
C GLY A 483 21.58 -18.53 16.94
N VAL A 484 20.39 -18.74 17.51
CA VAL A 484 20.23 -18.49 18.94
C VAL A 484 21.08 -19.46 19.76
N LEU A 485 21.21 -20.70 19.29
CA LEU A 485 22.04 -21.68 19.97
C LEU A 485 23.50 -21.22 19.96
N CYS A 486 23.91 -20.63 18.84
CA CYS A 486 25.27 -20.12 18.67
C CYS A 486 25.55 -19.01 19.70
N GLU A 487 24.63 -18.05 19.82
CA GLU A 487 24.81 -16.97 20.77
C GLU A 487 24.86 -17.51 22.20
N LEU A 488 23.96 -18.44 22.51
CA LEU A 488 23.90 -19.03 23.85
C LEU A 488 25.17 -19.82 24.16
N ALA A 489 25.73 -20.43 23.11
CA ALA A 489 26.93 -21.25 23.24
C ALA A 489 28.20 -20.44 23.54
N GLN A 490 28.13 -19.11 23.46
CA GLN A 490 29.31 -18.30 23.75
C GLN A 490 29.61 -18.35 25.25
N ASP A 491 28.67 -18.86 26.04
CA ASP A 491 28.87 -18.99 27.49
C ASP A 491 29.15 -20.47 27.75
N LYS A 492 30.28 -20.75 28.40
CA LYS A 492 30.70 -22.12 28.69
C LYS A 492 29.64 -23.09 29.19
N GLU A 493 28.91 -22.71 30.24
CA GLU A 493 27.88 -23.59 30.80
C GLU A 493 26.76 -23.88 29.81
N ALA A 494 26.31 -22.86 29.11
CA ALA A 494 25.23 -23.03 28.13
C ALA A 494 25.68 -23.96 27.00
N ALA A 495 26.94 -23.84 26.59
CA ALA A 495 27.46 -24.68 25.53
C ALA A 495 27.38 -26.15 25.95
N GLU A 496 27.69 -26.41 27.22
CA GLU A 496 27.64 -27.78 27.74
C GLU A 496 26.21 -28.29 27.76
N ALA A 497 25.28 -27.45 28.22
CA ALA A 497 23.87 -27.82 28.26
C ALA A 497 23.30 -28.10 26.87
N ILE A 498 23.77 -27.37 25.87
CA ILE A 498 23.29 -27.58 24.50
C ILE A 498 23.75 -28.95 24.01
N GLU A 499 25.00 -29.31 24.33
CA GLU A 499 25.51 -30.61 23.92
C GLU A 499 24.75 -31.72 24.65
N ALA A 500 24.42 -31.47 25.91
CA ALA A 500 23.69 -32.43 26.73
C ALA A 500 22.31 -32.71 26.13
N GLU A 501 21.84 -31.82 25.26
CA GLU A 501 20.54 -31.97 24.63
C GLU A 501 20.61 -32.71 23.30
N GLY A 502 21.76 -33.30 23.00
CA GLY A 502 21.91 -34.02 21.75
C GLY A 502 21.82 -33.15 20.51
N ALA A 503 22.35 -31.94 20.59
CA ALA A 503 22.33 -31.02 19.46
C ALA A 503 23.34 -31.38 18.38
N THR A 504 24.40 -32.07 18.75
CA THR A 504 25.46 -32.46 17.81
C THR A 504 24.98 -33.09 16.50
N ALA A 505 24.12 -34.09 16.58
CA ALA A 505 23.63 -34.76 15.39
C ALA A 505 22.88 -33.80 14.45
N PRO A 506 21.81 -33.15 14.94
CA PRO A 506 21.11 -32.24 14.04
C PRO A 506 21.99 -31.12 13.50
N LEU A 507 22.93 -30.64 14.32
CA LEU A 507 23.84 -29.57 13.89
C LEU A 507 24.76 -30.07 12.79
N THR A 508 25.21 -31.31 12.93
CA THR A 508 26.10 -31.91 11.95
C THR A 508 25.40 -31.97 10.59
N GLU A 509 24.11 -32.32 10.59
CA GLU A 509 23.35 -32.39 9.35
C GLU A 509 23.26 -31.03 8.66
N LEU A 510 23.20 -29.97 9.45
CA LEU A 510 23.10 -28.63 8.90
C LEU A 510 24.41 -28.13 8.27
N LEU A 511 25.51 -28.83 8.54
CA LEU A 511 26.80 -28.43 7.99
C LEU A 511 26.85 -28.39 6.46
N HIS A 512 26.02 -29.19 5.79
CA HIS A 512 26.04 -29.17 4.33
C HIS A 512 24.89 -28.37 3.72
N SER A 513 24.28 -27.53 4.54
CA SER A 513 23.17 -26.68 4.08
C SER A 513 23.67 -25.71 3.01
N ARG A 514 22.79 -25.36 2.07
CA ARG A 514 23.12 -24.42 1.02
C ARG A 514 23.16 -23.01 1.59
N ASN A 515 22.49 -22.83 2.73
CA ASN A 515 22.42 -21.54 3.40
C ASN A 515 23.67 -21.34 4.25
N GLU A 516 24.54 -20.41 3.82
CA GLU A 516 25.77 -20.13 4.55
C GLU A 516 25.52 -19.84 6.01
N GLY A 517 24.48 -19.06 6.29
CA GLY A 517 24.15 -18.71 7.67
C GLY A 517 23.91 -19.97 8.48
N VAL A 518 23.04 -20.85 7.99
CA VAL A 518 22.74 -22.09 8.68
C VAL A 518 24.03 -22.88 8.92
N ALA A 519 24.81 -23.09 7.86
CA ALA A 519 26.05 -23.85 7.96
C ALA A 519 27.05 -23.22 8.92
N THR A 520 27.15 -21.89 8.91
CA THR A 520 28.09 -21.20 9.79
C THR A 520 27.67 -21.28 11.26
N TYR A 521 26.40 -20.98 11.55
CA TYR A 521 25.94 -21.04 12.94
C TYR A 521 26.07 -22.45 13.50
N ALA A 522 25.67 -23.45 12.71
CA ALA A 522 25.75 -24.85 13.16
C ALA A 522 27.20 -25.21 13.49
N ALA A 523 28.12 -24.92 12.57
CA ALA A 523 29.53 -25.23 12.80
C ALA A 523 30.04 -24.52 14.05
N ALA A 524 29.60 -23.27 14.25
CA ALA A 524 30.03 -22.49 15.41
C ALA A 524 29.58 -23.14 16.71
N VAL A 525 28.36 -23.64 16.76
CA VAL A 525 27.88 -24.29 17.98
C VAL A 525 28.71 -25.55 18.25
N LEU A 526 29.03 -26.29 17.20
CA LEU A 526 29.83 -27.51 17.33
C LEU A 526 31.22 -27.19 17.86
N PHE A 527 31.85 -26.15 17.33
CA PHE A 527 33.18 -25.76 17.78
C PHE A 527 33.13 -25.33 19.25
N ARG A 528 32.14 -24.51 19.59
CA ARG A 528 32.01 -24.04 20.97
C ARG A 528 31.71 -25.16 21.97
N MET A 529 31.00 -26.20 21.53
CA MET A 529 30.68 -27.32 22.42
C MET A 529 31.90 -28.20 22.68
N SER A 530 32.65 -28.51 21.62
CA SER A 530 33.83 -29.36 21.72
C SER A 530 35.08 -28.60 22.15
N GLU A 531 34.92 -27.35 22.52
CA GLU A 531 36.05 -26.54 22.95
C GLU A 531 36.21 -26.60 24.45
N ASP A 532 35.14 -26.23 25.17
CA ASP A 532 35.10 -26.21 26.63
C ASP A 532 36.24 -26.98 27.29
N LYS A 533 36.01 -28.25 27.55
CA LYS A 533 37.01 -29.10 28.20
C LYS A 533 37.65 -30.13 27.25
N PRO A 534 36.84 -30.76 26.37
CA PRO A 534 37.36 -31.75 25.42
C PRO A 534 38.82 -31.53 25.05
N GLN A 535 39.70 -32.19 25.79
CA GLN A 535 41.15 -32.07 25.62
C GLN A 535 41.78 -33.23 24.84
N ASP A 536 42.02 -34.34 25.53
CA ASP A 536 42.64 -35.51 24.93
C ASP A 536 41.66 -36.41 24.18
N TYR A 537 42.14 -37.61 23.83
CA TYR A 537 41.34 -38.60 23.13
C TYR A 537 40.86 -39.65 24.11
N LYS A 538 40.17 -40.66 23.61
CA LYS A 538 39.64 -41.75 24.42
C LYS A 538 38.63 -42.57 23.63
N LYS B 9 49.09 -31.39 4.43
CA LYS B 9 47.80 -31.34 5.18
C LYS B 9 47.52 -32.58 6.02
N SER B 10 46.52 -32.48 6.87
CA SER B 10 46.12 -33.56 7.76
C SER B 10 44.77 -33.22 8.38
N PRO B 11 44.14 -34.17 9.08
CA PRO B 11 42.85 -33.87 9.69
C PRO B 11 42.97 -32.67 10.62
N GLU B 12 44.02 -32.65 11.43
CA GLU B 12 44.27 -31.55 12.36
C GLU B 12 44.30 -30.20 11.67
N GLU B 13 45.06 -30.10 10.58
CA GLU B 13 45.14 -28.83 9.86
C GLU B 13 43.81 -28.45 9.20
N MET B 14 43.07 -29.45 8.73
CA MET B 14 41.78 -29.18 8.10
C MET B 14 40.87 -28.54 9.14
N TYR B 15 40.90 -29.10 10.34
CA TYR B 15 40.08 -28.60 11.45
C TYR B 15 40.36 -27.13 11.70
N ILE B 16 41.64 -26.79 11.80
CA ILE B 16 42.06 -25.41 12.04
C ILE B 16 41.57 -24.45 10.95
N GLN B 17 41.81 -24.80 9.69
CA GLN B 17 41.39 -23.95 8.58
C GLN B 17 39.88 -23.74 8.56
N GLN B 18 39.13 -24.79 8.91
CA GLN B 18 37.67 -24.71 8.93
C GLN B 18 37.19 -23.83 10.07
N LYS B 19 37.81 -23.97 11.25
CA LYS B 19 37.42 -23.18 12.40
C LYS B 19 37.72 -21.70 12.15
N VAL B 20 38.87 -21.41 11.54
CA VAL B 20 39.22 -20.03 11.24
C VAL B 20 38.19 -19.43 10.29
N ARG B 21 37.83 -20.20 9.26
CA ARG B 21 36.86 -19.73 8.28
C ARG B 21 35.50 -19.46 8.93
N VAL B 22 35.03 -20.38 9.75
CA VAL B 22 33.75 -20.21 10.43
C VAL B 22 33.77 -18.99 11.36
N LEU B 23 34.82 -18.84 12.15
CA LEU B 23 34.92 -17.71 13.07
C LEU B 23 34.92 -16.38 12.33
N LEU B 24 35.68 -16.29 11.25
CA LEU B 24 35.73 -15.05 10.47
C LEU B 24 34.36 -14.73 9.90
N MET B 25 33.67 -15.74 9.41
CA MET B 25 32.34 -15.54 8.84
C MET B 25 31.34 -15.15 9.94
N LEU B 26 31.46 -15.78 11.10
CA LEU B 26 30.57 -15.49 12.22
C LEU B 26 30.69 -14.02 12.65
N ARG B 27 31.92 -13.52 12.70
CA ARG B 27 32.16 -12.13 13.08
C ARG B 27 31.58 -11.22 12.01
N LYS B 28 31.74 -11.61 10.76
CA LYS B 28 31.23 -10.84 9.64
C LYS B 28 29.70 -10.78 9.67
N MET B 29 29.07 -11.83 10.18
CA MET B 29 27.62 -11.88 10.28
C MET B 29 27.11 -11.07 11.47
N GLY B 30 28.04 -10.47 12.23
CA GLY B 30 27.64 -9.65 13.36
C GLY B 30 27.61 -10.27 14.74
N SER B 31 28.04 -11.52 14.88
CA SER B 31 28.04 -12.15 16.19
C SER B 31 29.41 -11.96 16.85
N ASN B 32 29.43 -11.85 18.16
CA ASN B 32 30.68 -11.66 18.90
C ASN B 32 31.38 -13.00 19.06
N LEU B 33 32.71 -12.94 19.15
CA LEU B 33 33.51 -14.15 19.34
C LEU B 33 33.91 -14.21 20.81
N THR B 34 34.18 -15.40 21.32
CA THR B 34 34.59 -15.55 22.70
C THR B 34 36.06 -15.16 22.83
N ALA B 35 36.53 -15.09 24.07
CA ALA B 35 37.92 -14.75 24.34
C ALA B 35 38.85 -15.83 23.79
N SER B 36 38.49 -17.10 23.96
CA SER B 36 39.34 -18.17 23.46
C SER B 36 39.39 -18.17 21.92
N GLU B 37 38.30 -17.74 21.29
CA GLU B 37 38.27 -17.69 19.83
C GLU B 37 39.19 -16.57 19.31
N GLU B 38 39.14 -15.41 19.97
CA GLU B 38 39.99 -14.27 19.61
C GLU B 38 41.44 -14.72 19.69
N GLU B 39 41.73 -15.46 20.75
CA GLU B 39 43.07 -16.00 21.02
C GLU B 39 43.44 -16.98 19.89
N PHE B 40 42.51 -17.85 19.54
CA PHE B 40 42.70 -18.83 18.48
C PHE B 40 43.10 -18.11 17.19
N LEU B 41 42.37 -17.05 16.87
CA LEU B 41 42.66 -16.27 15.66
C LEU B 41 44.04 -15.63 15.70
N ARG B 42 44.57 -15.40 16.89
CA ARG B 42 45.90 -14.81 17.03
C ARG B 42 46.93 -15.91 16.78
N THR B 43 46.73 -17.03 17.46
CA THR B 43 47.61 -18.18 17.33
C THR B 43 47.77 -18.56 15.86
N TYR B 44 46.67 -18.50 15.10
CA TYR B 44 46.72 -18.84 13.69
C TYR B 44 46.49 -17.66 12.77
N ALA B 45 47.13 -16.54 13.10
CA ALA B 45 47.01 -15.33 12.29
C ALA B 45 47.46 -15.63 10.87
N GLY B 46 48.41 -16.54 10.74
CA GLY B 46 48.91 -16.92 9.43
C GLY B 46 47.78 -17.45 8.58
N VAL B 47 47.03 -18.41 9.12
CA VAL B 47 45.90 -18.99 8.41
C VAL B 47 44.85 -17.91 8.14
N VAL B 48 44.68 -17.02 9.12
CA VAL B 48 43.71 -15.93 9.00
C VAL B 48 44.05 -15.04 7.82
N ASN B 49 45.28 -14.54 7.79
CA ASN B 49 45.73 -13.67 6.71
C ASN B 49 45.69 -14.44 5.40
N SER B 50 45.98 -15.73 5.48
CA SER B 50 45.98 -16.58 4.29
C SER B 50 44.58 -16.61 3.68
N GLN B 51 43.56 -16.65 4.54
CA GLN B 51 42.18 -16.67 4.09
C GLN B 51 41.66 -15.26 3.80
N LEU B 52 42.17 -14.28 4.53
CA LEU B 52 41.77 -12.89 4.35
C LEU B 52 42.05 -12.49 2.91
N SER B 53 42.87 -13.29 2.23
CA SER B 53 43.23 -13.04 0.85
C SER B 53 42.62 -14.09 -0.07
N GLN B 54 41.34 -14.40 0.18
CA GLN B 54 40.63 -15.39 -0.62
C GLN B 54 39.48 -14.73 -1.38
N ILE B 60 25.34 -12.78 4.68
CA ILE B 60 25.12 -11.60 3.86
C ILE B 60 23.64 -11.17 3.88
N ASP B 61 23.26 -10.40 2.85
CA ASP B 61 21.90 -9.87 2.70
C ASP B 61 20.77 -10.91 2.74
N GLN B 62 19.62 -10.53 2.17
CA GLN B 62 18.42 -11.37 2.13
C GLN B 62 17.77 -11.45 3.49
N GLY B 63 17.80 -10.35 4.24
CA GLY B 63 17.22 -10.37 5.56
C GLY B 63 15.81 -9.86 5.70
N ALA B 64 15.66 -8.80 6.49
CA ALA B 64 14.38 -8.18 6.76
C ALA B 64 13.62 -7.59 5.57
N GLU B 65 13.50 -8.35 4.47
CA GLU B 65 12.79 -7.87 3.29
C GLU B 65 11.35 -7.46 3.66
N ASP B 66 10.96 -6.25 3.24
CA ASP B 66 9.64 -5.71 3.52
C ASP B 66 8.56 -6.20 2.56
N VAL B 67 7.35 -6.41 3.10
CA VAL B 67 6.22 -6.89 2.30
C VAL B 67 5.07 -5.87 2.26
N VAL B 68 4.64 -5.50 1.06
CA VAL B 68 3.54 -4.54 0.89
C VAL B 68 2.18 -5.12 1.28
N MET B 69 1.27 -4.24 1.70
CA MET B 69 -0.09 -4.63 2.10
C MET B 69 -1.06 -4.13 1.01
N ALA B 70 -1.83 -5.03 0.41
CA ALA B 70 -2.78 -4.64 -0.64
C ALA B 70 -4.06 -4.08 0.00
N PHE B 71 -4.18 -2.75 0.04
CA PHE B 71 -5.35 -2.13 0.64
C PHE B 71 -6.53 -1.97 -0.31
N SER B 72 -6.30 -2.11 -1.61
CA SER B 72 -7.35 -1.96 -2.62
C SER B 72 -8.53 -2.93 -2.48
N ARG B 73 -9.74 -2.41 -2.63
CA ARG B 73 -10.98 -3.18 -2.55
C ARG B 73 -12.00 -2.66 -3.56
N SER B 74 -12.11 -3.34 -4.69
CA SER B 74 -13.02 -2.96 -5.78
C SER B 74 -14.51 -3.08 -5.46
N GLU B 75 -15.35 -2.47 -6.30
CA GLU B 75 -16.80 -2.53 -6.13
C GLU B 75 -17.29 -3.86 -6.70
N THR B 76 -18.55 -3.91 -7.14
CA THR B 76 -19.08 -5.16 -7.68
C THR B 76 -19.66 -5.11 -9.09
N GLU B 77 -19.45 -6.21 -9.83
CA GLU B 77 -19.93 -6.39 -11.19
C GLU B 77 -19.30 -5.53 -12.28
N ASP B 78 -20.02 -5.41 -13.38
CA ASP B 78 -19.58 -4.64 -14.54
C ASP B 78 -20.83 -4.04 -15.20
#